data_4K97
#
_entry.id   4K97
#
_cell.length_a   86.204
_cell.length_b   99.373
_cell.length_c   131.525
_cell.angle_alpha   90.00
_cell.angle_beta   90.00
_cell.angle_gamma   90.00
#
_symmetry.space_group_name_H-M   'I 2 2 2'
#
loop_
_entity.id
_entity.type
_entity.pdbx_description
1 polymer 'Cyclic GMP-AMP synthase'
2 polymer DNA-F
3 polymer DNA-R
4 non-polymer 'ZINC ION'
5 non-polymer 'MAGNESIUM ION'
6 non-polymer "ADENOSINE-5'-TRIPHOSPHATE"
7 water water
#
loop_
_entity_poly.entity_id
_entity_poly.type
_entity_poly.pdbx_seq_one_letter_code
_entity_poly.pdbx_strand_id
1 'polypeptide(L)'
;SPDKLKKVLDKLRLKRKDISEAAETVNKVVERLLRRMQKRESEFKGVEQLNTGSYYEHVKISAPNEFDVMFKLEVPRIEL
QEYYETGAFYLVKFKRIPRGNPLSHFLEGEVLSATKMLSKFRKIIKEEVKEIKDIDVSVEKEKPGSPAVTLLIRNPEEIS
VDIILALESKGSWPISTKEGLPIQGWLGTKVRTNLRREPFYLVPKNAKDGNSFQGETWRLSFSHTEKYILNNHGIEKTCC
ESSGAKCCRKECLKLMKYLLEQLKKEFQELDAFCSYHVKTAIFHMWTQDPQDSQWDPRNLSSCFDKLLAFFLECLRTEKL
DHYFIPKFNLFSQELIDRKSKEFLSKKIEYERNNGFPIFDKL
;
A
2 'polydeoxyribonucleotide' (DA)(DA)(DA)(DT)(DT)(DG)(DC)(DC)(DG)(DA)(DA)(DG)(DA)(DC)(DG)(DA)(DA) D
3 'polydeoxyribonucleotide' (DT)(DT)(DT)(DC)(DG)(DT)(DC)(DT)(DT)(DC)(DG)(DG)(DC)(DA)(DA)(DT)(DT) E
#
# COMPACT_ATOMS: atom_id res chain seq x y z
N LYS A 4 -21.49 -10.98 16.29
CA LYS A 4 -20.97 -9.72 16.81
C LYS A 4 -19.95 -9.08 15.88
N LEU A 5 -18.88 -9.81 15.56
CA LEU A 5 -17.94 -9.33 14.56
C LEU A 5 -18.65 -9.30 13.21
N LYS A 6 -19.61 -10.20 13.04
CA LYS A 6 -20.42 -10.23 11.84
C LYS A 6 -21.25 -8.95 11.74
N LYS A 7 -21.77 -8.48 12.87
CA LYS A 7 -22.46 -7.20 12.94
C LYS A 7 -21.55 -6.07 12.45
N VAL A 8 -20.32 -6.06 12.96
CA VAL A 8 -19.34 -5.04 12.59
C VAL A 8 -19.01 -5.07 11.09
N LEU A 9 -18.76 -6.25 10.55
CA LEU A 9 -18.49 -6.39 9.11
C LEU A 9 -19.63 -5.88 8.21
N ASP A 10 -20.88 -6.19 8.55
CA ASP A 10 -22.02 -5.65 7.82
C ASP A 10 -22.00 -4.12 7.76
N LYS A 11 -21.56 -3.51 8.86
CA LYS A 11 -21.46 -2.06 8.95
C LYS A 11 -20.30 -1.51 8.10
N LEU A 12 -19.18 -2.25 8.09
CA LEU A 12 -18.01 -1.87 7.30
C LEU A 12 -18.18 -2.14 5.79
N ARG A 13 -19.12 -3.01 5.45
CA ARG A 13 -19.35 -3.38 4.05
C ARG A 13 -19.80 -2.17 3.22
N LEU A 14 -19.10 -1.95 2.10
CA LEU A 14 -19.36 -0.83 1.21
C LEU A 14 -20.72 -0.95 0.50
N LYS A 15 -21.33 0.19 0.18
CA LYS A 15 -22.63 0.21 -0.51
C LYS A 15 -22.43 0.40 -2.01
N ARG A 16 -23.18 -0.37 -2.80
CA ARG A 16 -23.06 -0.29 -4.26
C ARG A 16 -23.38 1.09 -4.81
N LYS A 17 -24.39 1.73 -4.21
CA LYS A 17 -24.75 3.10 -4.57
C LYS A 17 -23.57 4.06 -4.31
N ASP A 18 -22.88 3.89 -3.19
CA ASP A 18 -21.70 4.73 -2.89
C ASP A 18 -20.54 4.41 -3.86
N ILE A 19 -20.30 3.13 -4.10
CA ILE A 19 -19.28 2.69 -5.05
C ILE A 19 -19.51 3.32 -6.44
N SER A 20 -20.74 3.26 -6.93
CA SER A 20 -21.06 3.80 -8.26
C SER A 20 -20.79 5.30 -8.40
N GLU A 21 -21.27 6.08 -7.44
CA GLU A 21 -21.10 7.54 -7.51
C GLU A 21 -19.64 7.92 -7.36
N ALA A 22 -18.91 7.24 -6.49
CA ALA A 22 -17.49 7.56 -6.29
C ALA A 22 -16.63 7.19 -7.52
N ALA A 23 -16.83 5.98 -8.03
CA ALA A 23 -16.06 5.47 -9.15
C ALA A 23 -16.24 6.30 -10.43
N GLU A 24 -17.49 6.67 -10.71
CA GLU A 24 -17.82 7.45 -11.89
C GLU A 24 -16.96 8.72 -11.92
N THR A 25 -16.96 9.43 -10.79
CA THR A 25 -16.16 10.65 -10.66
C THR A 25 -14.65 10.38 -10.66
N VAL A 26 -14.19 9.45 -9.83
CA VAL A 26 -12.76 9.09 -9.80
C VAL A 26 -12.23 8.73 -11.17
N ASN A 27 -12.88 7.79 -11.85
CA ASN A 27 -12.46 7.33 -13.17
C ASN A 27 -12.34 8.46 -14.20
N LYS A 28 -13.32 9.37 -14.21
CA LYS A 28 -13.30 10.51 -15.12
C LYS A 28 -12.05 11.37 -14.93
N VAL A 29 -11.73 11.66 -13.68
CA VAL A 29 -10.60 12.52 -13.33
C VAL A 29 -9.24 11.90 -13.69
N VAL A 30 -9.08 10.62 -13.35
CA VAL A 30 -7.83 9.92 -13.61
C VAL A 30 -7.59 9.72 -15.10
N GLU A 31 -8.61 9.28 -15.83
CA GLU A 31 -8.51 9.14 -17.28
C GLU A 31 -8.02 10.45 -17.91
N ARG A 32 -8.57 11.57 -17.44
CA ARG A 32 -8.19 12.88 -17.95
C ARG A 32 -6.73 13.21 -17.62
N LEU A 33 -6.28 12.81 -16.43
CA LEU A 33 -4.90 13.06 -16.01
C LEU A 33 -3.92 12.19 -16.79
N LEU A 34 -4.27 10.91 -16.95
CA LEU A 34 -3.45 9.97 -17.71
C LEU A 34 -3.27 10.45 -19.14
N ARG A 35 -4.35 10.97 -19.73
CA ARG A 35 -4.34 11.44 -21.10
C ARG A 35 -3.42 12.64 -21.29
N ARG A 36 -3.51 13.61 -20.38
CA ARG A 36 -2.63 14.78 -20.39
C ARG A 36 -1.17 14.36 -20.38
N MET A 37 -0.87 13.34 -19.58
CA MET A 37 0.47 12.81 -19.42
C MET A 37 1.04 12.26 -20.73
N GLN A 38 0.17 11.91 -21.68
CA GLN A 38 0.61 11.33 -22.96
C GLN A 38 0.92 12.36 -24.04
N LYS A 39 0.73 13.63 -23.73
CA LYS A 39 0.94 14.68 -24.72
C LYS A 39 2.41 14.80 -25.10
N ARG A 40 2.65 14.92 -26.39
CA ARG A 40 4.02 14.98 -26.94
C ARG A 40 4.92 15.94 -26.17
N GLU A 41 6.20 15.59 -26.10
CA GLU A 41 7.21 16.41 -25.41
C GLU A 41 7.02 16.48 -23.89
N SER A 42 6.21 15.56 -23.35
CA SER A 42 6.17 15.34 -21.91
C SER A 42 7.17 14.23 -21.60
N GLU A 43 7.83 14.31 -20.45
CA GLU A 43 8.81 13.29 -20.10
C GLU A 43 8.11 11.98 -19.77
N PHE A 44 6.83 12.09 -19.39
CA PHE A 44 6.06 10.95 -18.93
C PHE A 44 5.18 10.33 -20.01
N LYS A 45 5.61 10.43 -21.28
CA LYS A 45 4.79 10.06 -22.42
C LYS A 45 4.51 8.56 -22.59
N GLY A 46 5.05 7.75 -21.70
CA GLY A 46 4.79 6.32 -21.77
C GLY A 46 4.00 5.74 -20.61
N VAL A 47 3.67 6.57 -19.61
CA VAL A 47 3.07 6.05 -18.38
C VAL A 47 1.83 5.23 -18.64
N GLU A 48 1.68 4.14 -17.91
CA GLU A 48 0.49 3.32 -17.95
C GLU A 48 -0.14 3.28 -16.56
N GLN A 49 -1.46 3.09 -16.52
CA GLN A 49 -2.19 3.09 -15.26
C GLN A 49 -2.23 1.70 -14.63
N LEU A 50 -2.07 1.65 -13.31
CA LEU A 50 -2.25 0.43 -12.53
C LEU A 50 -3.04 0.80 -11.26
N ASN A 51 -4.22 0.23 -11.10
CA ASN A 51 -5.00 0.54 -9.91
C ASN A 51 -4.55 -0.31 -8.72
N THR A 52 -4.25 0.33 -7.60
CA THR A 52 -3.63 -0.38 -6.48
C THR A 52 -4.38 -0.10 -5.17
N GLY A 53 -4.04 -0.85 -4.12
CA GLY A 53 -4.54 -0.52 -2.79
C GLY A 53 -5.90 -1.07 -2.37
N SER A 54 -6.34 -0.64 -1.19
CA SER A 54 -7.54 -1.12 -0.53
C SER A 54 -8.78 -1.34 -1.41
N TYR A 55 -9.23 -0.28 -2.07
CA TYR A 55 -10.43 -0.32 -2.88
C TYR A 55 -10.35 -1.40 -3.96
N TYR A 56 -9.21 -1.51 -4.62
CA TYR A 56 -9.07 -2.44 -5.73
C TYR A 56 -8.74 -3.86 -5.26
N GLU A 57 -8.35 -4.00 -4.00
CA GLU A 57 -8.17 -5.33 -3.44
C GLU A 57 -9.44 -5.79 -2.72
N HIS A 58 -10.47 -4.95 -2.72
CA HIS A 58 -11.73 -5.26 -2.05
C HIS A 58 -11.56 -5.41 -0.54
N VAL A 59 -10.70 -4.58 0.04
CA VAL A 59 -10.56 -4.55 1.49
C VAL A 59 -10.71 -3.14 2.06
N LYS A 60 -11.20 -2.22 1.24
CA LYS A 60 -11.55 -0.87 1.70
C LYS A 60 -12.75 -0.99 2.64
N ILE A 61 -12.73 -0.27 3.76
CA ILE A 61 -13.84 -0.34 4.71
C ILE A 61 -14.63 0.95 4.82
N SER A 62 -15.83 0.84 5.41
CA SER A 62 -16.67 1.99 5.76
C SER A 62 -17.21 2.81 4.57
N ALA A 63 -16.32 3.34 3.75
CA ALA A 63 -16.74 4.17 2.63
C ALA A 63 -15.67 4.17 1.54
N PRO A 64 -16.11 4.28 0.28
CA PRO A 64 -15.19 4.36 -0.86
C PRO A 64 -14.71 5.80 -1.02
N ASN A 65 -13.89 6.25 -0.07
CA ASN A 65 -13.42 7.62 -0.01
C ASN A 65 -11.90 7.80 -0.19
N GLU A 66 -11.17 6.72 -0.48
CA GLU A 66 -9.72 6.81 -0.72
C GLU A 66 -9.30 5.86 -1.84
N PHE A 67 -8.68 6.40 -2.89
CA PHE A 67 -8.27 5.58 -4.02
C PHE A 67 -6.79 5.76 -4.30
N ASP A 68 -6.11 4.64 -4.56
CA ASP A 68 -4.70 4.70 -4.94
C ASP A 68 -4.51 4.30 -6.39
N VAL A 69 -3.72 5.09 -7.13
CA VAL A 69 -3.46 4.77 -8.54
C VAL A 69 -2.00 5.00 -8.88
N MET A 70 -1.38 3.97 -9.46
CA MET A 70 -0.01 4.06 -9.92
C MET A 70 0.04 4.45 -11.41
N PHE A 71 0.80 5.50 -11.74
CA PHE A 71 1.18 5.81 -13.11
C PHE A 71 2.61 5.30 -13.30
N LYS A 72 2.76 4.21 -14.05
CA LYS A 72 4.08 3.54 -14.16
C LYS A 72 4.84 3.81 -15.46
N LEU A 73 6.11 4.18 -15.33
CA LEU A 73 6.97 4.53 -16.47
C LEU A 73 8.06 3.47 -16.67
N GLU A 74 8.08 2.86 -17.85
CA GLU A 74 9.14 1.91 -18.21
C GLU A 74 10.43 2.70 -18.46
N VAL A 75 11.41 2.53 -17.58
CA VAL A 75 12.71 3.16 -17.74
C VAL A 75 13.80 2.11 -17.91
N PRO A 76 14.13 1.77 -19.17
CA PRO A 76 15.01 0.63 -19.47
C PRO A 76 16.43 0.86 -19.01
N ARG A 77 17.19 -0.21 -18.79
CA ARG A 77 18.61 -0.14 -18.45
C ARG A 77 18.93 0.78 -17.28
N ILE A 78 18.45 0.42 -16.10
CA ILE A 78 18.69 1.20 -14.89
C ILE A 78 19.60 0.44 -13.91
N GLU A 79 20.61 1.12 -13.37
CA GLU A 79 21.47 0.53 -12.33
C GLU A 79 21.02 1.00 -10.95
N LEU A 80 20.91 0.07 -10.00
CA LEU A 80 20.51 0.40 -8.65
C LEU A 80 21.69 0.36 -7.68
N GLN A 81 21.81 1.39 -6.85
CA GLN A 81 22.74 1.34 -5.74
C GLN A 81 21.91 1.41 -4.47
N GLU A 82 22.08 0.41 -3.59
CA GLU A 82 21.33 0.36 -2.34
C GLU A 82 21.73 1.55 -1.47
N TYR A 83 20.75 2.22 -0.86
CA TYR A 83 21.05 3.33 0.04
C TYR A 83 21.31 2.80 1.43
N TYR A 84 22.58 2.78 1.81
CA TYR A 84 23.04 2.16 3.05
C TYR A 84 22.62 0.69 3.19
N GLU A 85 21.90 0.34 4.25
CA GLU A 85 21.60 -1.06 4.51
C GLU A 85 20.10 -1.32 4.65
N THR A 86 19.30 -0.42 4.09
CA THR A 86 17.85 -0.45 4.23
C THR A 86 17.20 -1.61 3.50
N GLY A 87 17.75 -1.97 2.35
CA GLY A 87 17.15 -2.98 1.50
C GLY A 87 16.02 -2.46 0.63
N ALA A 88 15.37 -1.38 1.07
CA ALA A 88 14.19 -0.83 0.39
C ALA A 88 14.48 0.42 -0.43
N PHE A 89 15.42 1.24 0.05
CA PHE A 89 15.73 2.52 -0.62
C PHE A 89 16.93 2.46 -1.56
N TYR A 90 16.85 3.18 -2.67
CA TYR A 90 17.87 3.08 -3.72
C TYR A 90 18.22 4.41 -4.39
N LEU A 91 19.42 4.49 -4.96
CA LEU A 91 19.78 5.59 -5.85
C LEU A 91 19.78 5.01 -7.26
N VAL A 92 19.29 5.78 -8.24
CA VAL A 92 19.07 5.29 -9.60
C VAL A 92 20.01 5.98 -10.61
N LYS A 93 20.71 5.18 -11.42
CA LYS A 93 21.61 5.71 -12.46
C LYS A 93 21.26 5.08 -13.81
N PHE A 94 21.63 5.76 -14.90
CA PHE A 94 21.41 5.22 -16.25
C PHE A 94 22.66 4.52 -16.82
N LYS A 95 22.45 3.46 -17.59
CA LYS A 95 23.55 2.82 -18.32
C LYS A 95 23.76 3.48 -19.68
N PRO A 102 15.90 12.39 -23.21
CA PRO A 102 14.79 12.59 -22.27
C PRO A 102 15.21 12.32 -20.83
N LEU A 103 14.41 12.78 -19.87
CA LEU A 103 14.70 12.59 -18.46
C LEU A 103 16.16 12.95 -18.15
N SER A 104 16.76 13.76 -19.01
CA SER A 104 18.14 14.18 -18.83
C SER A 104 18.22 15.53 -18.13
N HIS A 105 17.15 15.91 -17.46
CA HIS A 105 17.09 17.18 -16.75
C HIS A 105 16.54 16.96 -15.36
N PHE A 106 16.36 15.68 -15.02
CA PHE A 106 15.98 15.28 -13.67
C PHE A 106 17.22 14.81 -12.92
N LEU A 107 18.36 14.94 -13.58
CA LEU A 107 19.62 14.38 -13.07
C LEU A 107 20.25 15.20 -11.94
N GLU A 108 21.15 14.53 -11.23
CA GLU A 108 21.96 15.12 -10.18
C GLU A 108 23.30 14.42 -10.27
N GLY A 109 24.10 14.85 -11.24
CA GLY A 109 25.30 14.13 -11.61
C GLY A 109 24.92 12.96 -12.50
N GLU A 110 25.03 11.76 -11.95
CA GLU A 110 24.59 10.56 -12.66
C GLU A 110 23.35 9.99 -11.99
N VAL A 111 22.84 10.69 -10.97
CA VAL A 111 21.72 10.19 -10.17
C VAL A 111 20.36 10.74 -10.64
N LEU A 112 19.42 9.86 -10.95
CA LEU A 112 18.05 10.31 -11.26
C LEU A 112 17.39 10.76 -9.98
N SER A 113 17.09 12.05 -9.89
CA SER A 113 16.47 12.59 -8.68
C SER A 113 14.96 12.32 -8.58
N ALA A 114 14.57 11.61 -7.53
CA ALA A 114 13.16 11.38 -7.26
C ALA A 114 12.43 12.72 -7.07
N THR A 115 13.08 13.66 -6.39
CA THR A 115 12.47 14.95 -6.09
C THR A 115 12.18 15.78 -7.34
N LYS A 116 13.14 15.82 -8.27
CA LYS A 116 12.97 16.55 -9.51
C LYS A 116 11.95 15.88 -10.42
N MET A 117 12.03 14.57 -10.55
CA MET A 117 11.10 13.86 -11.40
C MET A 117 9.67 13.99 -10.87
N LEU A 118 9.53 13.97 -9.55
CA LEU A 118 8.21 14.05 -8.91
C LEU A 118 7.65 15.46 -8.92
N SER A 119 8.50 16.44 -8.68
CA SER A 119 8.05 17.83 -8.67
C SER A 119 7.48 18.24 -10.02
N LYS A 120 8.14 17.81 -11.09
CA LYS A 120 7.64 18.04 -12.44
C LYS A 120 6.35 17.27 -12.68
N PHE A 121 6.30 16.03 -12.17
CA PHE A 121 5.09 15.21 -12.25
C PHE A 121 3.93 15.94 -11.56
N ARG A 122 4.19 16.48 -10.37
CA ARG A 122 3.21 17.25 -9.62
C ARG A 122 2.74 18.50 -10.38
N LYS A 123 3.67 19.15 -11.08
CA LYS A 123 3.36 20.42 -11.74
C LYS A 123 2.36 20.22 -12.88
N ILE A 124 2.55 19.16 -13.65
CA ILE A 124 1.67 18.85 -14.77
C ILE A 124 0.27 18.47 -14.28
N ILE A 125 0.20 17.79 -13.15
CA ILE A 125 -1.10 17.44 -12.57
C ILE A 125 -1.79 18.70 -12.08
N LYS A 126 -1.00 19.61 -11.51
CA LYS A 126 -1.52 20.90 -11.05
C LYS A 126 -2.22 21.64 -12.17
N GLU A 127 -1.53 21.81 -13.30
CA GLU A 127 -2.10 22.55 -14.44
C GLU A 127 -3.36 21.90 -14.99
N GLU A 128 -3.36 20.57 -15.07
CA GLU A 128 -4.52 19.89 -15.63
C GLU A 128 -5.73 20.06 -14.72
N VAL A 129 -5.51 19.94 -13.42
CA VAL A 129 -6.58 20.05 -12.43
C VAL A 129 -7.29 21.41 -12.41
N LYS A 130 -6.56 22.49 -12.57
CA LYS A 130 -7.19 23.82 -12.63
C LYS A 130 -7.95 24.01 -13.94
N GLU A 131 -7.83 23.06 -14.86
CA GLU A 131 -8.58 23.11 -16.11
C GLU A 131 -9.91 22.36 -15.97
N ILE A 132 -10.09 21.69 -14.83
CA ILE A 132 -11.32 20.93 -14.58
C ILE A 132 -12.44 21.82 -14.02
N LYS A 133 -13.54 21.94 -14.77
CA LYS A 133 -14.64 22.84 -14.43
C LYS A 133 -15.90 22.13 -13.93
N ASP A 134 -16.12 20.90 -14.40
CA ASP A 134 -17.35 20.18 -14.07
C ASP A 134 -17.30 19.46 -12.72
N ILE A 135 -16.10 19.31 -12.16
CA ILE A 135 -15.90 18.57 -10.92
C ILE A 135 -15.10 19.38 -9.89
N ASP A 136 -15.60 19.45 -8.66
CA ASP A 136 -14.85 20.07 -7.56
C ASP A 136 -13.65 19.19 -7.19
N VAL A 137 -12.46 19.62 -7.62
CA VAL A 137 -11.23 18.88 -7.33
C VAL A 137 -10.04 19.83 -7.15
N SER A 138 -9.28 19.63 -6.09
CA SER A 138 -8.07 20.40 -5.87
C SER A 138 -6.88 19.46 -5.62
N VAL A 139 -5.67 20.00 -5.56
CA VAL A 139 -4.49 19.23 -5.22
C VAL A 139 -4.00 19.54 -3.81
N GLU A 140 -3.94 18.52 -2.97
CA GLU A 140 -3.57 18.70 -1.56
C GLU A 140 -2.16 19.25 -1.40
N LYS A 141 -1.97 20.08 -0.37
CA LYS A 141 -0.67 20.58 0.02
C LYS A 141 0.35 19.44 0.05
N GLU A 142 1.55 19.69 -0.47
CA GLU A 142 2.59 18.69 -0.62
C GLU A 142 3.12 18.16 0.73
N LYS A 143 3.19 16.85 0.85
CA LYS A 143 3.73 16.24 2.04
C LYS A 143 5.18 15.86 1.84
N PRO A 144 6.06 16.36 2.69
CA PRO A 144 7.51 16.13 2.53
C PRO A 144 7.89 14.65 2.57
N GLY A 145 8.71 14.21 1.63
CA GLY A 145 9.14 12.83 1.57
C GLY A 145 8.11 11.87 0.96
N SER A 146 6.85 12.32 0.87
CA SER A 146 5.78 11.50 0.28
C SER A 146 5.91 11.41 -1.23
N PRO A 147 5.56 10.24 -1.81
CA PRO A 147 5.65 10.02 -3.25
C PRO A 147 4.35 10.27 -4.02
N ALA A 148 3.29 10.67 -3.32
CA ALA A 148 1.98 10.84 -3.96
C ALA A 148 1.67 12.29 -4.29
N VAL A 149 0.89 12.49 -5.34
CA VAL A 149 0.21 13.76 -5.54
C VAL A 149 -1.25 13.47 -5.24
N THR A 150 -1.77 14.10 -4.20
CA THR A 150 -3.10 13.76 -3.70
C THR A 150 -4.17 14.70 -4.25
N LEU A 151 -5.19 14.15 -4.88
CA LEU A 151 -6.32 14.97 -5.32
C LEU A 151 -7.36 14.96 -4.21
N LEU A 152 -7.96 16.12 -3.96
CA LEU A 152 -9.06 16.26 -3.02
C LEU A 152 -10.32 16.52 -3.82
N ILE A 153 -11.32 15.65 -3.67
CA ILE A 153 -12.54 15.71 -4.48
C ILE A 153 -13.83 15.85 -3.65
N ARG A 154 -14.71 16.76 -4.06
CA ARG A 154 -16.03 16.91 -3.45
C ARG A 154 -17.12 16.53 -4.44
N ASN A 155 -17.82 15.43 -4.13
CA ASN A 155 -18.71 14.77 -5.07
C ASN A 155 -20.23 14.76 -4.82
N PRO A 156 -20.74 15.42 -3.76
CA PRO A 156 -20.26 16.33 -2.70
C PRO A 156 -19.48 15.62 -1.60
N GLU A 157 -19.60 14.30 -1.50
CA GLU A 157 -18.83 13.55 -0.51
C GLU A 157 -17.33 13.66 -0.78
N GLU A 158 -16.53 13.62 0.29
CA GLU A 158 -15.08 13.80 0.22
C GLU A 158 -14.33 12.52 -0.14
N ILE A 159 -13.60 12.58 -1.25
CA ILE A 159 -12.83 11.44 -1.73
C ILE A 159 -11.37 11.86 -1.92
N SER A 160 -10.43 10.98 -1.57
CA SER A 160 -9.03 11.25 -1.80
C SER A 160 -8.48 10.28 -2.84
N VAL A 161 -7.71 10.81 -3.80
CA VAL A 161 -7.03 9.97 -4.78
C VAL A 161 -5.52 10.23 -4.76
N ASP A 162 -4.74 9.23 -4.37
CA ASP A 162 -3.27 9.31 -4.45
C ASP A 162 -2.78 8.85 -5.82
N ILE A 163 -2.22 9.76 -6.60
CA ILE A 163 -1.58 9.38 -7.86
C ILE A 163 -0.08 9.22 -7.66
N ILE A 164 0.41 8.02 -7.96
CA ILE A 164 1.75 7.62 -7.60
C ILE A 164 2.60 7.32 -8.83
N LEU A 165 3.59 8.18 -9.08
CA LEU A 165 4.56 7.92 -10.14
C LEU A 165 5.42 6.73 -9.74
N ALA A 166 5.63 5.82 -10.69
CA ALA A 166 6.49 4.66 -10.43
C ALA A 166 7.33 4.30 -11.65
N LEU A 167 8.62 4.09 -11.41
CA LEU A 167 9.49 3.56 -12.45
C LEU A 167 9.31 2.05 -12.51
N GLU A 168 9.16 1.54 -13.73
CA GLU A 168 9.05 0.10 -13.95
C GLU A 168 10.37 -0.44 -14.50
N SER A 169 10.86 -1.51 -13.88
CA SER A 169 12.08 -2.17 -14.35
C SER A 169 11.76 -3.64 -14.58
N LYS A 170 12.18 -4.18 -15.72
CA LYS A 170 11.83 -5.57 -16.06
C LYS A 170 12.93 -6.59 -15.73
N GLY A 171 14.05 -6.12 -15.20
CA GLY A 171 15.09 -7.03 -14.73
C GLY A 171 14.68 -7.77 -13.45
N SER A 172 15.49 -8.73 -13.04
CA SER A 172 15.25 -9.47 -11.80
C SER A 172 15.33 -8.56 -10.57
N TRP A 173 14.63 -8.95 -9.51
CA TRP A 173 14.48 -8.10 -8.34
C TRP A 173 15.78 -7.95 -7.55
N PRO A 174 15.96 -6.81 -6.86
CA PRO A 174 17.19 -6.58 -6.08
C PRO A 174 17.34 -7.65 -5.01
N ILE A 175 18.57 -8.05 -4.72
CA ILE A 175 18.84 -9.19 -3.85
C ILE A 175 18.22 -9.09 -2.47
N SER A 176 17.95 -7.87 -2.02
CA SER A 176 17.32 -7.70 -0.70
C SER A 176 15.98 -8.45 -0.62
N THR A 177 15.39 -8.77 -1.79
CA THR A 177 14.11 -9.47 -1.83
C THR A 177 14.23 -11.00 -1.95
N LYS A 178 15.46 -11.49 -2.05
CA LYS A 178 15.68 -12.89 -2.37
C LYS A 178 15.07 -13.87 -1.35
N GLU A 179 15.14 -13.52 -0.07
CA GLU A 179 14.53 -14.33 0.99
C GLU A 179 13.11 -13.87 1.30
N GLY A 180 12.59 -12.92 0.54
CA GLY A 180 11.25 -12.41 0.79
C GLY A 180 10.18 -13.27 0.13
N LEU A 181 8.92 -12.85 0.26
CA LEU A 181 7.79 -13.54 -0.37
C LEU A 181 7.80 -15.03 -0.05
N PRO A 182 7.69 -15.37 1.24
CA PRO A 182 7.90 -16.78 1.64
C PRO A 182 6.62 -17.59 1.52
N ILE A 183 6.15 -17.75 0.28
CA ILE A 183 4.84 -18.31 0.02
C ILE A 183 4.83 -19.78 -0.43
N GLN A 184 6.00 -20.42 -0.41
CA GLN A 184 6.18 -21.79 -0.94
C GLN A 184 5.20 -22.84 -0.40
N GLY A 185 4.91 -22.78 0.90
CA GLY A 185 4.00 -23.75 1.50
C GLY A 185 2.56 -23.34 1.44
N TRP A 186 2.28 -22.19 0.84
CA TRP A 186 0.93 -21.62 0.81
C TRP A 186 0.42 -21.47 -0.65
N LEU A 187 0.97 -20.52 -1.39
CA LEU A 187 0.60 -20.37 -2.81
C LEU A 187 1.50 -21.22 -3.70
N GLY A 188 2.69 -21.56 -3.19
CA GLY A 188 3.53 -22.52 -3.89
C GLY A 188 4.70 -21.93 -4.68
N THR A 189 5.50 -22.82 -5.27
CA THR A 189 6.73 -22.40 -5.95
C THR A 189 6.54 -21.82 -7.36
N LYS A 190 5.63 -22.39 -8.15
CA LYS A 190 5.32 -21.84 -9.46
C LYS A 190 4.78 -20.39 -9.36
N VAL A 191 3.86 -20.15 -8.44
CA VAL A 191 3.30 -18.82 -8.21
C VAL A 191 4.42 -17.85 -7.80
N ARG A 192 5.29 -18.26 -6.88
CA ARG A 192 6.38 -17.39 -6.41
C ARG A 192 7.35 -17.06 -7.54
N THR A 193 7.76 -18.07 -8.29
CA THR A 193 8.62 -17.88 -9.45
C THR A 193 7.99 -16.98 -10.52
N ASN A 194 6.72 -17.24 -10.86
CA ASN A 194 6.01 -16.38 -11.78
C ASN A 194 5.90 -14.93 -11.31
N LEU A 195 5.55 -14.72 -10.04
CA LEU A 195 5.42 -13.37 -9.50
C LEU A 195 6.73 -12.60 -9.60
N ARG A 196 7.85 -13.31 -9.44
CA ARG A 196 9.16 -12.67 -9.46
C ARG A 196 9.73 -12.41 -10.86
N ARG A 197 9.04 -12.91 -11.89
CA ARG A 197 9.42 -12.58 -13.27
C ARG A 197 8.61 -11.38 -13.79
N GLU A 198 7.57 -11.01 -13.04
CA GLU A 198 6.87 -9.76 -13.27
C GLU A 198 7.86 -8.64 -12.96
N PRO A 199 7.62 -7.43 -13.49
CA PRO A 199 8.53 -6.31 -13.20
C PRO A 199 8.55 -5.87 -11.72
N PHE A 200 9.56 -5.10 -11.32
CA PHE A 200 9.51 -4.43 -10.01
C PHE A 200 9.36 -2.91 -10.16
N TYR A 201 8.87 -2.25 -9.13
CA TYR A 201 8.58 -0.83 -9.23
C TYR A 201 9.31 -0.01 -8.16
N LEU A 202 9.60 1.24 -8.51
CA LEU A 202 10.25 2.18 -7.62
C LEU A 202 9.39 3.43 -7.57
N VAL A 203 9.11 3.91 -6.37
CA VAL A 203 8.32 5.12 -6.19
C VAL A 203 9.18 6.18 -5.50
N PRO A 204 8.90 7.48 -5.78
CA PRO A 204 9.73 8.57 -5.28
C PRO A 204 9.38 8.96 -3.85
N LYS A 205 9.35 7.96 -2.97
CA LYS A 205 9.28 8.17 -1.53
C LYS A 205 10.71 8.26 -1.00
N ASN A 206 11.07 9.41 -0.43
CA ASN A 206 12.43 9.62 0.07
C ASN A 206 12.73 8.94 1.40
N ALA A 207 13.96 8.45 1.54
CA ALA A 207 14.42 7.86 2.79
C ALA A 207 14.59 8.94 3.86
N LYS A 208 14.06 8.70 5.03
CA LYS A 208 14.02 9.73 6.05
C LYS A 208 15.23 9.66 6.92
N ASP A 209 16.05 8.66 6.70
CA ASP A 209 17.24 8.48 7.49
C ASP A 209 18.14 9.59 7.01
N GLY A 210 19.33 9.69 7.58
CA GLY A 210 20.28 10.67 7.10
C GLY A 210 19.46 11.92 7.00
N ASN A 211 19.05 12.41 8.18
CA ASN A 211 18.10 13.52 8.36
C ASN A 211 18.20 14.63 7.31
N SER A 212 17.05 15.03 6.75
CA SER A 212 15.77 14.35 6.96
C SER A 212 15.47 13.46 5.78
N PHE A 213 15.04 14.03 4.66
CA PHE A 213 14.89 13.23 3.42
C PHE A 213 16.04 13.41 2.40
N GLN A 214 16.63 12.29 1.97
CA GLN A 214 17.58 12.26 0.90
C GLN A 214 16.82 12.38 -0.40
N GLY A 215 16.82 13.55 -0.98
CA GLY A 215 15.91 13.86 -2.07
C GLY A 215 16.02 13.01 -3.31
N GLU A 216 17.15 12.32 -3.46
CA GLU A 216 17.37 11.48 -4.62
C GLU A 216 16.84 10.05 -4.46
N THR A 217 16.54 9.64 -3.23
CA THR A 217 16.20 8.23 -2.99
C THR A 217 14.84 7.79 -3.50
N TRP A 218 14.76 6.54 -3.94
CA TRP A 218 13.50 5.93 -4.34
C TRP A 218 13.22 4.72 -3.44
N ARG A 219 11.97 4.28 -3.40
CA ARG A 219 11.56 3.10 -2.64
C ARG A 219 10.96 1.97 -3.47
N LEU A 220 11.28 0.75 -3.11
CA LEU A 220 10.66 -0.41 -3.74
C LEU A 220 9.15 -0.45 -3.45
N SER A 221 8.38 -0.85 -4.46
CA SER A 221 6.94 -1.01 -4.31
C SER A 221 6.48 -2.34 -4.86
N PHE A 222 5.63 -3.03 -4.12
CA PHE A 222 5.09 -4.31 -4.57
C PHE A 222 3.56 -4.32 -4.56
N SER A 223 2.96 -3.15 -4.73
CA SER A 223 1.52 -3.01 -4.86
C SER A 223 0.91 -4.01 -5.85
N HIS A 224 1.57 -4.24 -6.99
CA HIS A 224 1.04 -5.22 -7.96
C HIS A 224 1.03 -6.64 -7.41
N THR A 225 2.17 -7.08 -6.86
CA THR A 225 2.28 -8.40 -6.25
C THR A 225 1.26 -8.60 -5.11
N GLU A 226 1.10 -7.57 -4.28
CA GLU A 226 0.15 -7.65 -3.16
C GLU A 226 -1.26 -7.79 -3.69
N LYS A 227 -1.53 -7.08 -4.79
CA LYS A 227 -2.84 -7.11 -5.40
C LYS A 227 -3.19 -8.52 -5.91
N TYR A 228 -2.24 -9.17 -6.57
CA TYR A 228 -2.48 -10.52 -7.07
C TYR A 228 -2.73 -11.48 -5.91
N ILE A 229 -1.98 -11.32 -4.82
CA ILE A 229 -2.13 -12.23 -3.68
C ILE A 229 -3.52 -12.10 -3.06
N LEU A 230 -4.00 -10.87 -2.91
CA LEU A 230 -5.33 -10.66 -2.35
C LEU A 230 -6.38 -11.37 -3.22
N ASN A 231 -6.18 -11.33 -4.53
CA ASN A 231 -7.14 -11.97 -5.42
C ASN A 231 -6.88 -13.47 -5.62
N ASN A 232 -5.75 -13.99 -5.14
CA ASN A 232 -5.43 -15.40 -5.25
C ASN A 232 -4.86 -15.90 -3.96
N HIS A 233 -5.67 -15.88 -2.89
CA HIS A 233 -5.11 -15.99 -1.56
C HIS A 233 -5.19 -17.37 -0.96
N GLY A 234 -5.84 -18.31 -1.64
CA GLY A 234 -6.09 -19.63 -1.05
C GLY A 234 -5.02 -20.67 -1.33
N ILE A 235 -4.88 -21.64 -0.44
CA ILE A 235 -4.04 -22.79 -0.76
C ILE A 235 -4.73 -23.63 -1.85
N GLU A 236 -6.07 -23.67 -1.83
CA GLU A 236 -6.84 -24.31 -2.91
C GLU A 236 -7.19 -23.27 -3.98
N LYS A 237 -7.27 -23.71 -5.23
CA LYS A 237 -7.53 -22.80 -6.33
C LYS A 237 -8.94 -22.21 -6.34
N THR A 238 -9.86 -22.88 -5.66
CA THR A 238 -11.25 -22.44 -5.64
C THR A 238 -11.64 -21.57 -4.43
N CYS A 239 -10.69 -21.26 -3.57
CA CYS A 239 -10.98 -20.38 -2.43
C CYS A 239 -11.69 -19.11 -2.88
N CYS A 240 -12.86 -18.89 -2.31
CA CYS A 240 -13.71 -17.77 -2.67
C CYS A 240 -14.23 -17.73 -4.12
N GLU A 241 -14.12 -18.82 -4.89
CA GLU A 241 -14.73 -18.87 -6.23
C GLU A 241 -16.18 -19.35 -6.18
N SER A 242 -16.88 -19.32 -7.32
CA SER A 242 -18.32 -19.69 -7.31
C SER A 242 -18.55 -21.20 -7.11
N SER A 243 -17.56 -21.99 -7.51
CA SER A 243 -17.61 -23.44 -7.25
C SER A 243 -16.63 -23.81 -6.14
N GLY A 244 -16.41 -22.90 -5.19
CA GLY A 244 -15.51 -23.16 -4.10
C GLY A 244 -16.03 -22.71 -2.76
N ALA A 245 -15.15 -22.62 -1.76
CA ALA A 245 -15.57 -22.26 -0.40
C ALA A 245 -15.09 -20.87 -0.02
N LYS A 246 -15.97 -20.09 0.63
CA LYS A 246 -15.59 -18.79 1.18
C LYS A 246 -14.61 -19.01 2.33
N CYS A 247 -13.63 -18.13 2.46
CA CYS A 247 -12.78 -18.10 3.66
C CYS A 247 -12.99 -16.76 4.31
N CYS A 248 -12.40 -16.53 5.47
CA CYS A 248 -12.53 -15.25 6.15
C CYS A 248 -11.24 -14.43 6.20
N ARG A 249 -10.30 -14.72 5.29
CA ARG A 249 -9.03 -13.99 5.27
C ARG A 249 -9.24 -12.48 5.14
N LYS A 250 -9.91 -12.06 4.08
CA LYS A 250 -10.15 -10.64 3.86
C LYS A 250 -10.94 -9.95 4.98
N GLU A 251 -11.94 -10.63 5.54
CA GLU A 251 -12.71 -10.03 6.63
C GLU A 251 -11.91 -9.85 7.93
N CYS A 252 -10.95 -10.73 8.19
CA CYS A 252 -10.02 -10.53 9.31
C CYS A 252 -9.21 -9.26 9.08
N LEU A 253 -8.77 -9.06 7.85
CA LEU A 253 -7.97 -7.89 7.52
C LEU A 253 -8.80 -6.63 7.74
N LYS A 254 -10.07 -6.68 7.37
CA LYS A 254 -10.94 -5.51 7.56
C LYS A 254 -11.11 -5.16 9.03
N LEU A 255 -11.32 -6.18 9.86
CA LEU A 255 -11.53 -5.97 11.31
C LEU A 255 -10.29 -5.37 11.98
N MET A 256 -9.10 -5.80 11.55
CA MET A 256 -7.87 -5.30 12.12
C MET A 256 -7.60 -3.86 11.66
N LYS A 257 -7.87 -3.59 10.39
CA LYS A 257 -7.76 -2.23 9.87
C LYS A 257 -8.73 -1.31 10.59
N TYR A 258 -9.96 -1.80 10.83
CA TYR A 258 -10.96 -0.95 11.49
C TYR A 258 -10.46 -0.57 12.87
N LEU A 259 -9.98 -1.55 13.62
CA LEU A 259 -9.45 -1.32 14.96
C LEU A 259 -8.39 -0.22 14.98
N LEU A 260 -7.38 -0.33 14.12
CA LEU A 260 -6.32 0.67 14.05
C LEU A 260 -6.88 2.04 13.66
N GLU A 261 -7.71 2.04 12.61
CA GLU A 261 -8.32 3.25 12.07
C GLU A 261 -9.07 4.04 13.15
N GLN A 262 -9.77 3.33 14.03
CA GLN A 262 -10.50 3.96 15.14
C GLN A 262 -9.54 4.50 16.20
N LEU A 263 -8.56 3.69 16.56
CA LEU A 263 -7.56 4.11 17.54
C LEU A 263 -6.79 5.36 17.09
N LYS A 264 -6.44 5.39 15.80
CA LYS A 264 -5.72 6.53 15.22
C LYS A 264 -6.61 7.78 15.22
N LYS A 265 -7.92 7.59 15.06
CA LYS A 265 -8.88 8.68 15.06
C LYS A 265 -8.82 9.56 16.31
N GLU A 266 -8.64 8.94 17.47
CA GLU A 266 -8.69 9.71 18.73
C GLU A 266 -7.37 9.86 19.49
N PHE A 267 -6.31 9.20 19.01
CA PHE A 267 -5.01 9.36 19.65
C PHE A 267 -3.94 9.75 18.64
N GLN A 268 -3.47 11.00 18.73
CA GLN A 268 -2.47 11.53 17.82
C GLN A 268 -1.12 10.84 18.02
N GLU A 269 -0.98 10.17 19.16
CA GLU A 269 0.27 9.49 19.47
C GLU A 269 0.42 8.21 18.68
N LEU A 270 -0.59 7.88 17.90
CA LEU A 270 -0.55 6.67 17.08
C LEU A 270 -0.32 7.02 15.62
N ASP A 271 -0.01 8.29 15.36
CA ASP A 271 0.49 8.68 14.04
C ASP A 271 1.75 7.86 13.82
N ALA A 272 2.15 7.70 12.55
CA ALA A 272 3.29 6.84 12.17
C ALA A 272 2.97 5.35 12.15
N PHE A 273 1.77 4.96 12.59
CA PHE A 273 1.24 3.65 12.26
C PHE A 273 0.32 3.83 11.05
N CYS A 274 0.21 2.82 10.23
CA CYS A 274 -0.58 2.85 9.03
C CYS A 274 -1.19 1.52 8.74
N SER A 275 -2.08 1.48 7.79
CA SER A 275 -2.71 0.24 7.41
C SER A 275 -1.74 -0.78 6.86
N TYR A 276 -0.66 -0.35 6.23
CA TYR A 276 0.34 -1.30 5.75
C TYR A 276 0.95 -2.19 6.83
N HIS A 277 1.17 -1.64 8.02
CA HIS A 277 1.60 -2.45 9.14
C HIS A 277 0.63 -3.62 9.35
N VAL A 278 -0.66 -3.36 9.25
CA VAL A 278 -1.65 -4.40 9.46
C VAL A 278 -1.62 -5.40 8.31
N LYS A 279 -1.49 -4.87 7.10
CA LYS A 279 -1.44 -5.69 5.89
C LYS A 279 -0.24 -6.64 5.93
N THR A 280 0.92 -6.09 6.27
CA THR A 280 2.13 -6.89 6.44
C THR A 280 1.98 -7.96 7.53
N ALA A 281 1.36 -7.60 8.65
CA ALA A 281 1.21 -8.56 9.73
C ALA A 281 0.33 -9.76 9.32
N ILE A 282 -0.69 -9.51 8.50
CA ILE A 282 -1.58 -10.60 8.10
C ILE A 282 -1.01 -11.45 6.95
N PHE A 283 -0.23 -10.84 6.04
CA PHE A 283 0.49 -11.66 5.06
C PHE A 283 1.34 -12.69 5.78
N HIS A 284 1.95 -12.30 6.91
CA HIS A 284 2.80 -13.22 7.68
C HIS A 284 1.95 -14.32 8.26
N MET A 285 0.76 -13.94 8.72
CA MET A 285 -0.22 -14.87 9.29
C MET A 285 -0.71 -15.90 8.26
N TRP A 286 -1.01 -15.42 7.06
CA TRP A 286 -1.42 -16.27 5.95
C TRP A 286 -0.35 -17.30 5.59
N THR A 287 0.91 -16.94 5.81
CA THR A 287 2.04 -17.83 5.58
C THR A 287 2.14 -18.84 6.72
N GLN A 288 1.96 -18.34 7.94
CA GLN A 288 2.01 -19.15 9.13
C GLN A 288 0.86 -20.14 9.16
N ASP A 289 -0.32 -19.72 8.72
CA ASP A 289 -1.50 -20.58 8.70
C ASP A 289 -2.06 -20.70 7.29
N PRO A 290 -1.47 -21.59 6.48
CA PRO A 290 -1.77 -21.64 5.05
C PRO A 290 -3.08 -22.36 4.72
N GLN A 291 -3.39 -23.45 5.43
CA GLN A 291 -4.61 -24.20 5.17
C GLN A 291 -5.88 -23.34 5.13
N ASP A 292 -6.68 -23.51 4.07
CA ASP A 292 -7.94 -22.77 3.94
C ASP A 292 -8.91 -23.13 5.07
N SER A 293 -8.87 -24.38 5.52
CA SER A 293 -9.73 -24.83 6.60
C SER A 293 -9.49 -24.05 7.90
N GLN A 294 -8.30 -23.49 8.07
CA GLN A 294 -8.02 -22.70 9.25
C GLN A 294 -8.65 -21.32 9.11
N TRP A 295 -9.18 -21.00 7.93
CA TRP A 295 -9.77 -19.69 7.71
C TRP A 295 -11.22 -19.80 7.31
N ASP A 296 -11.87 -20.85 7.81
CA ASP A 296 -13.30 -21.04 7.68
C ASP A 296 -14.04 -19.91 8.40
N PRO A 297 -15.10 -19.38 7.75
CA PRO A 297 -16.01 -18.36 8.32
C PRO A 297 -16.45 -18.68 9.74
N ARG A 298 -16.73 -19.95 10.02
CA ARG A 298 -17.14 -20.37 11.36
C ARG A 298 -16.06 -20.05 12.41
N ASN A 299 -14.81 -19.97 11.99
CA ASN A 299 -13.69 -19.71 12.89
C ASN A 299 -13.21 -18.25 12.83
N LEU A 300 -14.11 -17.34 12.51
CA LEU A 300 -13.74 -15.93 12.30
C LEU A 300 -13.21 -15.26 13.57
N SER A 301 -13.94 -15.40 14.67
CA SER A 301 -13.56 -14.84 15.96
C SER A 301 -12.13 -15.20 16.35
N SER A 302 -11.78 -16.47 16.19
CA SER A 302 -10.48 -16.96 16.63
C SER A 302 -9.35 -16.58 15.66
N CYS A 303 -9.67 -16.39 14.37
CA CYS A 303 -8.64 -15.95 13.43
C CYS A 303 -8.28 -14.51 13.74
N PHE A 304 -9.29 -13.71 14.06
CA PHE A 304 -9.06 -12.32 14.44
C PHE A 304 -8.20 -12.29 15.71
N ASP A 305 -8.48 -13.22 16.62
CA ASP A 305 -7.74 -13.22 17.88
C ASP A 305 -6.28 -13.61 17.66
N LYS A 306 -6.05 -14.57 16.76
CA LYS A 306 -4.68 -14.96 16.40
C LYS A 306 -3.91 -13.83 15.71
N LEU A 307 -4.61 -13.03 14.92
CA LEU A 307 -4.01 -11.87 14.25
C LEU A 307 -3.56 -10.86 15.30
N LEU A 308 -4.47 -10.57 16.23
CA LEU A 308 -4.21 -9.60 17.30
C LEU A 308 -3.03 -10.01 18.15
N ALA A 309 -2.98 -11.29 18.54
CA ALA A 309 -1.87 -11.75 19.38
C ALA A 309 -0.56 -11.61 18.63
N PHE A 310 -0.58 -11.90 17.34
CA PHE A 310 0.65 -11.80 16.56
C PHE A 310 1.08 -10.33 16.40
N PHE A 311 0.12 -9.44 16.25
CA PHE A 311 0.43 -8.03 16.09
C PHE A 311 1.03 -7.46 17.36
N LEU A 312 0.43 -7.79 18.50
CA LEU A 312 1.02 -7.44 19.80
C LEU A 312 2.45 -7.98 19.94
N GLU A 313 2.68 -9.23 19.53
CA GLU A 313 4.02 -9.81 19.64
C GLU A 313 5.04 -9.02 18.80
N CYS A 314 4.58 -8.54 17.65
CA CYS A 314 5.45 -7.71 16.82
C CYS A 314 5.71 -6.37 17.49
N LEU A 315 4.68 -5.87 18.16
CA LEU A 315 4.73 -4.58 18.83
C LEU A 315 5.71 -4.65 20.02
N ARG A 316 5.61 -5.72 20.79
CA ARG A 316 6.41 -5.93 21.99
C ARG A 316 7.89 -6.18 21.70
N THR A 317 8.17 -6.85 20.58
CA THR A 317 9.54 -7.18 20.23
C THR A 317 10.15 -6.15 19.27
N GLU A 318 9.38 -5.11 18.95
CA GLU A 318 9.84 -4.04 18.06
C GLU A 318 10.36 -4.59 16.75
N LYS A 319 9.64 -5.55 16.17
CA LYS A 319 10.03 -6.12 14.89
C LYS A 319 8.86 -6.60 14.06
N LEU A 320 8.77 -6.03 12.85
CA LEU A 320 7.79 -6.40 11.86
C LEU A 320 8.52 -6.44 10.52
N ASP A 321 8.90 -7.65 10.09
CA ASP A 321 9.66 -7.79 8.85
C ASP A 321 8.80 -7.43 7.64
N HIS A 322 9.32 -6.58 6.78
CA HIS A 322 8.69 -6.31 5.49
C HIS A 322 8.51 -7.66 4.79
N TYR A 323 7.32 -7.92 4.26
CA TYR A 323 7.02 -9.25 3.73
C TYR A 323 7.89 -9.61 2.52
N PHE A 324 8.29 -8.59 1.75
CA PHE A 324 9.16 -8.79 0.59
C PHE A 324 10.65 -8.55 0.86
N ILE A 325 10.93 -7.83 1.95
CA ILE A 325 12.30 -7.40 2.26
C ILE A 325 12.60 -7.66 3.73
N PRO A 326 13.04 -8.89 4.07
CA PRO A 326 13.17 -9.29 5.48
C PRO A 326 14.13 -8.43 6.31
N LYS A 327 15.18 -7.91 5.68
CA LYS A 327 16.13 -7.00 6.32
C LYS A 327 15.44 -5.79 6.91
N PHE A 328 14.37 -5.36 6.25
CA PHE A 328 13.72 -4.09 6.56
C PHE A 328 12.66 -4.22 7.67
N ASN A 329 12.99 -3.70 8.85
CA ASN A 329 12.09 -3.70 9.99
C ASN A 329 11.22 -2.45 10.05
N LEU A 330 9.92 -2.64 9.83
CA LEU A 330 8.96 -1.55 9.83
C LEU A 330 8.71 -1.01 11.22
N PHE A 331 9.14 -1.76 12.23
CA PHE A 331 8.95 -1.37 13.63
C PHE A 331 10.28 -1.13 14.32
N SER A 332 11.30 -0.74 13.57
CA SER A 332 12.59 -0.41 14.17
C SER A 332 12.48 0.71 15.20
N GLN A 333 13.56 0.98 15.93
CA GLN A 333 13.57 2.09 16.88
C GLN A 333 13.57 3.40 16.09
N GLU A 334 14.32 3.41 14.99
CA GLU A 334 14.17 4.43 13.98
C GLU A 334 12.77 4.21 13.41
N LEU A 335 12.24 5.17 12.66
CA LEU A 335 10.87 5.06 12.11
C LEU A 335 9.77 5.17 13.17
N ILE A 336 9.83 4.34 14.21
CA ILE A 336 8.79 4.37 15.25
C ILE A 336 9.37 4.23 16.67
N ASP A 337 9.09 5.22 17.52
CA ASP A 337 9.62 5.24 18.88
C ASP A 337 9.00 4.15 19.75
N ARG A 338 9.80 3.59 20.66
CA ARG A 338 9.35 2.53 21.54
C ARG A 338 8.06 2.86 22.28
N LYS A 339 8.04 4.02 22.92
CA LYS A 339 6.85 4.48 23.65
C LYS A 339 5.58 4.44 22.79
N SER A 340 5.69 4.78 21.51
CA SER A 340 4.54 4.73 20.60
C SER A 340 4.01 3.31 20.48
N LYS A 341 4.90 2.33 20.53
CA LYS A 341 4.51 0.92 20.42
C LYS A 341 3.84 0.41 21.70
N GLU A 342 4.36 0.85 22.83
CA GLU A 342 3.81 0.49 24.13
C GLU A 342 2.42 1.10 24.28
N PHE A 343 2.27 2.33 23.80
CA PHE A 343 0.97 3.01 23.80
C PHE A 343 -0.05 2.21 23.00
N LEU A 344 0.34 1.79 21.79
CA LEU A 344 -0.57 1.02 20.95
C LEU A 344 -0.83 -0.34 21.58
N SER A 345 0.18 -0.91 22.25
CA SER A 345 0.01 -2.21 22.90
C SER A 345 -1.08 -2.15 23.98
N LYS A 346 -1.10 -1.07 24.75
CA LYS A 346 -2.06 -0.94 25.82
C LYS A 346 -3.48 -0.75 25.29
N LYS A 347 -3.63 0.12 24.30
CA LYS A 347 -4.93 0.32 23.68
C LYS A 347 -5.53 -0.97 23.12
N ILE A 348 -4.71 -1.72 22.40
CA ILE A 348 -5.16 -2.98 21.82
C ILE A 348 -5.53 -3.97 22.92
N GLU A 349 -4.66 -4.09 23.92
CA GLU A 349 -4.88 -5.02 25.02
C GLU A 349 -6.16 -4.69 25.79
N TYR A 350 -6.51 -3.40 25.84
CA TYR A 350 -7.73 -2.99 26.52
C TYR A 350 -8.98 -3.34 25.71
N GLU A 351 -8.95 -3.00 24.42
CA GLU A 351 -10.07 -3.29 23.52
C GLU A 351 -10.31 -4.80 23.40
N ARG A 352 -9.22 -5.56 23.48
CA ARG A 352 -9.29 -7.01 23.37
C ARG A 352 -9.94 -7.66 24.60
N ASN A 353 -9.70 -7.09 25.77
CA ASN A 353 -10.21 -7.65 27.02
C ASN A 353 -11.54 -7.07 27.47
N ASN A 354 -12.13 -6.20 26.64
CA ASN A 354 -13.39 -5.55 26.99
C ASN A 354 -14.42 -5.63 25.87
N GLY A 355 -14.24 -6.60 24.98
CA GLY A 355 -15.20 -6.85 23.91
C GLY A 355 -15.24 -5.77 22.85
N PHE A 356 -14.12 -5.06 22.69
CA PHE A 356 -13.97 -4.04 21.65
C PHE A 356 -15.06 -2.96 21.69
N PRO A 357 -15.12 -2.16 22.77
CA PRO A 357 -16.12 -1.08 22.80
C PRO A 357 -15.90 -0.08 21.67
N ILE A 358 -14.64 0.13 21.26
CA ILE A 358 -14.34 1.10 20.21
C ILE A 358 -15.03 0.77 18.87
N PHE A 359 -15.50 -0.48 18.74
CA PHE A 359 -16.20 -0.88 17.53
C PHE A 359 -17.56 -0.16 17.38
N ASP A 360 -17.96 0.60 18.39
CA ASP A 360 -19.13 1.48 18.30
C ASP A 360 -18.78 2.93 18.64
#